data_7Y6N
#
_entry.id   7Y6N
#
_cell.length_a   1.00
_cell.length_b   1.00
_cell.length_c   1.00
_cell.angle_alpha   90.00
_cell.angle_beta   90.00
_cell.angle_gamma   90.00
#
_symmetry.space_group_name_H-M   'P 1'
#
loop_
_entity.id
_entity.type
_entity.pdbx_description
1 polymer 'Spike glycoprotein'
2 polymer 'Ab803 heavy chain'
3 polymer 'Ab803 light chain'
4 non-polymer 2-acetamido-2-deoxy-beta-D-glucopyranose
#
loop_
_entity_poly.entity_id
_entity_poly.type
_entity_poly.pdbx_seq_one_letter_code
_entity_poly.pdbx_strand_id
1 'polypeptide(L)'
;MFVFLVLLPLVSSQCVNLTTRTQLPPAYTNSFTRGVYYPDKVFRSSVLHSTQDLFLPFFSNVTWFHAIHVSGTNGTKRFD
NPVLPFNDGVYFASTEKSNIIRGWIFGTTLDSKTQSLLIVNNATNVVIKVCEFQFCNDPFLGVYYHKNNKSWMESEFRVY
SSANNCTFEYVSQPFLMDLEGKQGNFKNLREFVFKNIDGYFKIYSKHTPINLVRDLPQGFSALEPLVDLPIGINITRFQT
LLALHRSYLTPGDSSSGWTAGAAAYYVGYLQPRTFLLKYNENGTITDAVDCALDPLSETKCTLKSFTVEKGIYQTSNFRV
QPTESIVRFPNITNLCPFGEVFNATRFASVYAWNRKRISNCVADYSVLYNSASFSTFKCYGVSPTKLNDLCFTNVYADSF
VIRGDEVRQIAPGQTGKIADYNYKLPDDFTGCVIAWNSNNLDSKVGGNYNYLYRLFRKSNLKPFERDISTEIYQAGSTPC
NGVEGFNCYFPLQSYGFQPTNGVGYQPYRVVVLSFELLHAPATVCGPKKSTNLVKNKCVNFNFNGLTGTGVLTESNKKFL
PFQQFGRDIADTTDAVRDPQTLEILDITPCSFGGVSVITPGTNTSNQVAVLYQDVNCTEVPVAIHADQLTPTWRVYSTGS
NVFQTRAGCLIGAEHVNNSYECDIPIGAGICASYQTQTNSPGSASSVASQSIIAYTMSLGAENSVAYSNNSIAIPTNFTI
SVTTEILPVSMTKTSVDCTMYICGDSTECSNLLLQYGSFCTQLNRALTGIAVEQDKNTQEVFAQVKQIYKTPPIKDFGGF
NFSQILPDPSKPSKRSPIEDLLFNKVTLADAGFIKQYGDCLGDIAARDLICAQKFNGLTVLPPLLTDEMIAQYTSALLAG
TITSGWTFGAGPALQIPFPMQMAYRFNGIGVTQNVLYENQKLIANQFNSAIGKIQDSLSSTPSALGKLQDVVNQNAQALN
TLVKQLSSNFGAISSVLNDILSRLDPPEAEVQIDRLITGRLQSLQTYVTQQLIRAAEIRASANLAATKMSECVLGQSKRV
DFCGKGYHLMSFPQSAPHGVVFLHVTYVPAQEKNFTTAPAICHDGKAHFPREGVFVSNGTHWFVTQRNFYEPQIITTDNT
FVSGNCDVVIGIVNNTVYDPLQPELDSFKEELDKYFKNHTSPDVDLGDISGINASVVNIQKEIDRLNEVAKNLNESLIDL
QELGKYEQAAAGSGYIPEAPRDGQAYVRKDGEWVLLSTFLGSSGRENLYFQGGGGSGLNDIFEAQKIEWHEGHHHHHH
;
A
2 'polypeptide(L)'
;MDPKGSLSWRILLFLSLAFELSYGLEVQLVESGGGLVQPGRSLRVSCAASGFTFDDYAMHWVRQTPRKGLEWVAGISRNS
AAIAYADSVKGRFTISRDNAKNSVFLQMNGLRADDTALYYCVKSPRYGWGSPDYSFDFWGRGTLVTVSASTKGPSVFPLA
PSSKSTSGGTAALGCLVKDYFPEPVTVSWNSGALTSGVHTFPAVLQSSGLYSLSSVVTVPSSSLGTQTYICNVNHKPSNT
KVDKKVEPKSCENLYFQGHHHHHH
;
H
3 'polypeptide(L)'
;MDPKGSLSWRILLFLSLAFELSYGLEIQLTQSPSSLSASVGDRVTITCRASQNIGTYLNWYQQEPGKAPKLLIYAASSLQ
SGVPSRFSGSGSGTDFTLTISSLQPEDFATYCCQQSFTTPLTFGQGTKVEIKRTVAAPSVFIFPPSDEQLKSGTASVVCL
LNNFYPREAKVQWKVDNALQSGNSQESVTEQDSKDSTYSLSSTLTLSKADYEKHKVYACEVTHQGLSSPVTKSFNRGEC
;
L
#
loop_
_chem_comp.id
_chem_comp.type
_chem_comp.name
_chem_comp.formula
NAG D-saccharide, beta linking 2-acetamido-2-deoxy-beta-D-glucopyranose 'C8 H15 N O6'
#
# COMPACT_ATOMS: atom_id res chain seq x y z
N ASN A 331 -21.01 -48.28 16.94
CA ASN A 331 -21.54 -47.23 16.08
C ASN A 331 -21.08 -45.86 16.55
N ILE A 332 -21.13 -44.87 15.66
CA ILE A 332 -20.70 -43.53 16.01
C ILE A 332 -21.81 -42.82 16.79
N THR A 333 -21.42 -42.14 17.87
CA THR A 333 -22.42 -41.46 18.70
C THR A 333 -22.87 -40.15 18.06
N ASN A 334 -21.95 -39.42 17.43
CA ASN A 334 -22.32 -38.21 16.69
C ASN A 334 -21.19 -37.81 15.76
N LEU A 335 -21.50 -37.71 14.48
CA LEU A 335 -20.55 -37.23 13.50
C LEU A 335 -20.15 -35.79 13.81
N CYS A 336 -18.86 -35.51 13.70
CA CYS A 336 -18.39 -34.17 14.01
C CYS A 336 -19.00 -33.16 13.04
N PRO A 337 -19.66 -32.13 13.54
CA PRO A 337 -20.36 -31.20 12.64
C PRO A 337 -19.36 -30.39 11.82
N PHE A 338 -19.45 -30.54 10.50
CA PHE A 338 -18.55 -29.88 9.57
C PHE A 338 -19.35 -29.11 8.53
N GLY A 339 -20.59 -29.53 8.30
CA GLY A 339 -21.39 -28.92 7.25
C GLY A 339 -21.67 -27.45 7.48
N GLU A 340 -21.82 -27.04 8.73
CA GLU A 340 -22.16 -25.65 9.01
C GLU A 340 -21.02 -24.72 8.66
N VAL A 341 -19.79 -25.24 8.62
CA VAL A 341 -18.62 -24.42 8.34
C VAL A 341 -18.05 -24.69 6.96
N PHE A 342 -18.22 -25.89 6.40
CA PHE A 342 -17.78 -26.13 5.03
C PHE A 342 -18.84 -25.63 4.03
N ASN A 343 -20.05 -26.20 4.08
CA ASN A 343 -21.13 -25.68 3.27
C ASN A 343 -21.39 -24.23 3.65
N ALA A 344 -21.84 -24.02 4.90
CA ALA A 344 -22.06 -22.71 5.48
C ALA A 344 -23.06 -21.86 4.68
N THR A 345 -23.28 -20.63 5.14
CA THR A 345 -24.13 -19.69 4.41
C THR A 345 -23.45 -18.34 4.32
N ARG A 346 -22.57 -18.04 5.27
CA ARG A 346 -21.84 -16.77 5.30
C ARG A 346 -20.49 -17.01 5.95
N PHE A 347 -19.56 -16.08 5.66
CA PHE A 347 -18.24 -16.11 6.27
C PHE A 347 -17.84 -14.70 6.65
N ALA A 348 -17.06 -14.59 7.73
CA ALA A 348 -16.57 -13.31 8.18
C ALA A 348 -15.33 -12.89 7.39
N SER A 349 -14.98 -11.62 7.51
CA SER A 349 -13.77 -11.13 6.88
C SER A 349 -12.55 -11.76 7.52
N VAL A 350 -11.41 -11.64 6.84
CA VAL A 350 -10.20 -12.31 7.30
C VAL A 350 -9.71 -11.72 8.61
N TYR A 351 -9.84 -10.41 8.79
CA TYR A 351 -9.33 -9.79 10.00
C TYR A 351 -10.17 -10.20 11.22
N ALA A 352 -11.48 -10.16 11.09
CA ALA A 352 -12.37 -10.62 12.17
C ALA A 352 -12.73 -12.09 11.99
N TRP A 353 -11.70 -12.91 11.83
CA TRP A 353 -11.89 -14.29 11.41
C TRP A 353 -12.48 -15.14 12.53
N ASN A 354 -13.39 -16.03 12.16
CA ASN A 354 -14.11 -16.84 13.13
C ASN A 354 -13.17 -17.86 13.77
N ARG A 355 -13.56 -18.33 14.95
CA ARG A 355 -12.75 -19.25 15.75
C ARG A 355 -13.69 -20.32 16.33
N LYS A 356 -13.79 -21.44 15.64
CA LYS A 356 -14.69 -22.51 16.08
C LYS A 356 -13.92 -23.59 16.82
N ARG A 357 -14.46 -24.02 17.94
CA ARG A 357 -13.86 -25.07 18.76
C ARG A 357 -14.63 -26.37 18.59
N ILE A 358 -13.88 -27.48 18.60
CA ILE A 358 -14.45 -28.82 18.47
C ILE A 358 -13.82 -29.71 19.52
N SER A 359 -14.64 -30.54 20.14
CA SER A 359 -14.30 -31.27 21.36
C SER A 359 -14.80 -32.70 21.17
N ASN A 360 -14.95 -33.43 22.27
CA ASN A 360 -15.24 -34.86 22.26
C ASN A 360 -16.27 -35.21 21.21
N CYS A 361 -15.87 -36.06 20.26
CA CYS A 361 -16.62 -36.32 19.04
C CYS A 361 -15.95 -37.40 18.20
N VAL A 362 -16.58 -37.75 17.08
CA VAL A 362 -15.99 -38.66 16.10
C VAL A 362 -16.15 -38.04 14.72
N ALA A 363 -15.06 -37.98 13.96
CA ALA A 363 -15.01 -37.22 12.72
C ALA A 363 -14.70 -38.13 11.53
N ASP A 364 -15.04 -37.63 10.35
CA ASP A 364 -14.97 -38.36 9.08
C ASP A 364 -14.18 -37.57 8.05
N TYR A 365 -12.97 -37.15 8.41
CA TYR A 365 -12.12 -36.42 7.47
C TYR A 365 -11.96 -37.16 6.15
N SER A 366 -12.20 -38.47 6.14
CA SER A 366 -12.01 -39.27 4.93
C SER A 366 -12.85 -38.74 3.77
N VAL A 367 -14.13 -38.45 4.03
CA VAL A 367 -14.98 -37.91 2.98
C VAL A 367 -14.46 -36.56 2.51
N LEU A 368 -13.82 -35.82 3.42
CA LEU A 368 -13.17 -34.57 3.02
C LEU A 368 -12.13 -34.82 1.94
N TYR A 369 -11.35 -35.89 2.08
CA TYR A 369 -10.44 -36.28 1.02
C TYR A 369 -11.21 -36.72 -0.21
N ASN A 370 -12.34 -37.41 -0.01
CA ASN A 370 -13.07 -37.99 -1.14
C ASN A 370 -13.62 -36.89 -2.06
N SER A 371 -14.13 -35.81 -1.48
CA SER A 371 -14.71 -34.75 -2.29
C SER A 371 -13.66 -34.12 -3.19
N ALA A 372 -13.99 -33.96 -4.47
CA ALA A 372 -13.08 -33.36 -5.44
C ALA A 372 -13.32 -31.87 -5.61
N SER A 373 -14.29 -31.30 -4.89
CA SER A 373 -14.57 -29.87 -5.01
C SER A 373 -13.51 -29.00 -4.36
N PHE A 374 -12.58 -29.59 -3.61
CA PHE A 374 -11.54 -28.83 -2.92
C PHE A 374 -10.40 -28.57 -3.90
N SER A 375 -10.17 -27.29 -4.22
CA SER A 375 -9.13 -26.95 -5.18
C SER A 375 -7.76 -27.33 -4.66
N THR A 376 -7.45 -27.00 -3.40
CA THR A 376 -6.14 -27.28 -2.81
C THR A 376 -6.36 -27.90 -1.44
N PHE A 377 -6.49 -29.23 -1.42
CA PHE A 377 -6.58 -29.95 -0.16
C PHE A 377 -5.21 -30.14 0.48
N LYS A 378 -4.13 -29.99 -0.29
CA LYS A 378 -2.78 -30.23 0.18
C LYS A 378 -2.53 -29.48 1.49
N CYS A 379 -1.99 -30.18 2.47
CA CYS A 379 -1.85 -29.59 3.78
C CYS A 379 -0.73 -30.30 4.55
N TYR A 380 -0.28 -29.65 5.62
CA TYR A 380 0.99 -29.94 6.26
C TYR A 380 0.81 -30.84 7.46
N GLY A 381 1.91 -31.06 8.19
CA GLY A 381 1.85 -31.86 9.41
C GLY A 381 1.50 -33.31 9.14
N VAL A 382 0.47 -33.79 9.82
CA VAL A 382 0.06 -35.18 9.72
C VAL A 382 -0.42 -35.50 8.31
N SER A 383 -0.13 -36.73 7.85
CA SER A 383 -0.58 -37.19 6.56
C SER A 383 -2.08 -37.49 6.58
N PRO A 384 -2.80 -37.13 5.51
CA PRO A 384 -4.27 -37.30 5.53
C PRO A 384 -4.74 -38.73 5.71
N THR A 385 -4.03 -39.71 5.13
CA THR A 385 -4.51 -41.09 5.16
C THR A 385 -4.43 -41.67 6.57
N LYS A 386 -3.37 -41.33 7.30
CA LYS A 386 -3.24 -41.81 8.68
C LYS A 386 -3.72 -40.77 9.70
N LEU A 387 -4.19 -39.61 9.23
CA LEU A 387 -4.70 -38.58 10.12
C LEU A 387 -5.84 -39.13 10.98
N ASN A 388 -6.55 -40.14 10.48
CA ASN A 388 -7.65 -40.76 11.20
C ASN A 388 -7.21 -41.81 12.20
N ASP A 389 -5.95 -41.80 12.64
CA ASP A 389 -5.50 -42.80 13.59
C ASP A 389 -4.72 -42.26 14.77
N LEU A 390 -4.37 -40.97 14.79
CA LEU A 390 -3.70 -40.35 15.93
C LEU A 390 -4.54 -39.14 16.34
N CYS A 391 -5.41 -39.34 17.31
CA CYS A 391 -6.40 -38.32 17.63
C CYS A 391 -5.94 -37.42 18.76
N PHE A 392 -6.69 -36.33 18.94
CA PHE A 392 -6.24 -35.20 19.76
C PHE A 392 -7.27 -34.82 20.80
N THR A 393 -7.05 -33.71 21.49
CA THR A 393 -8.01 -33.19 22.45
C THR A 393 -8.81 -32.03 21.88
N ASN A 394 -8.15 -31.10 21.19
CA ASN A 394 -8.81 -29.92 20.66
C ASN A 394 -8.73 -29.89 19.15
N VAL A 395 -9.85 -29.57 18.50
CA VAL A 395 -9.87 -29.33 17.05
C VAL A 395 -10.30 -27.89 16.84
N TYR A 396 -9.38 -27.05 16.41
CA TYR A 396 -9.65 -25.63 16.25
C TYR A 396 -9.80 -25.35 14.76
N ALA A 397 -11.03 -25.04 14.34
CA ALA A 397 -11.36 -24.80 12.94
C ALA A 397 -11.57 -23.31 12.73
N ASP A 398 -10.78 -22.73 11.84
CA ASP A 398 -10.85 -21.30 11.55
C ASP A 398 -11.06 -21.13 10.06
N SER A 399 -12.12 -20.43 9.68
CA SER A 399 -12.50 -20.28 8.28
C SER A 399 -12.51 -18.81 7.90
N PHE A 400 -12.31 -18.56 6.61
CA PHE A 400 -12.30 -17.21 6.04
C PHE A 400 -12.34 -17.34 4.53
N VAL A 401 -12.31 -16.19 3.84
CA VAL A 401 -12.24 -16.14 2.39
C VAL A 401 -11.20 -15.09 2.01
N ILE A 402 -10.53 -15.30 0.87
CA ILE A 402 -9.48 -14.40 0.41
C ILE A 402 -9.50 -14.37 -1.12
N ARG A 403 -8.61 -13.57 -1.69
CA ARG A 403 -8.31 -13.70 -3.11
C ARG A 403 -7.60 -15.01 -3.35
N GLY A 404 -7.81 -15.59 -4.53
CA GLY A 404 -7.27 -16.91 -4.81
C GLY A 404 -5.75 -16.97 -4.75
N ASP A 405 -5.09 -15.96 -5.34
CA ASP A 405 -3.66 -16.05 -5.55
C ASP A 405 -2.87 -16.18 -4.25
N GLU A 406 -3.26 -15.49 -3.18
CA GLU A 406 -2.52 -15.61 -1.94
C GLU A 406 -3.00 -16.77 -1.07
N VAL A 407 -3.64 -17.79 -1.66
CA VAL A 407 -3.90 -19.00 -0.90
C VAL A 407 -2.59 -19.63 -0.45
N ARG A 408 -1.51 -19.39 -1.20
CA ARG A 408 -0.18 -19.83 -0.80
C ARG A 408 0.31 -19.15 0.47
N GLN A 409 -0.31 -18.04 0.88
CA GLN A 409 0.09 -17.30 2.05
C GLN A 409 -0.36 -17.95 3.36
N ILE A 410 -0.77 -19.21 3.33
CA ILE A 410 -1.18 -19.92 4.53
C ILE A 410 -0.30 -21.17 4.60
N ALA A 411 0.84 -21.04 5.28
CA ALA A 411 1.81 -22.12 5.48
C ALA A 411 2.89 -21.64 6.42
N PRO A 412 3.52 -22.54 7.19
CA PRO A 412 4.54 -22.09 8.15
C PRO A 412 5.75 -21.51 7.45
N GLY A 413 6.25 -20.39 7.98
CA GLY A 413 7.48 -19.79 7.55
C GLY A 413 7.36 -18.67 6.54
N GLN A 414 6.30 -18.67 5.74
CA GLN A 414 6.16 -17.66 4.70
C GLN A 414 5.59 -16.36 5.28
N THR A 415 5.81 -15.27 4.54
CA THR A 415 5.39 -13.94 4.95
C THR A 415 4.68 -13.26 3.79
N GLY A 416 3.66 -12.49 4.12
CA GLY A 416 2.88 -11.77 3.13
C GLY A 416 1.81 -10.94 3.81
N LYS A 417 1.21 -10.06 3.02
CA LYS A 417 0.21 -9.12 3.55
C LYS A 417 -0.89 -9.83 4.37
N ILE A 418 -1.64 -10.74 3.75
CA ILE A 418 -2.57 -11.54 4.54
C ILE A 418 -1.80 -12.48 5.47
N ALA A 419 -0.69 -13.02 4.99
CA ALA A 419 0.05 -13.99 5.80
C ALA A 419 0.55 -13.36 7.09
N ASP A 420 1.11 -12.15 7.00
CA ASP A 420 1.73 -11.53 8.17
C ASP A 420 0.80 -10.65 8.98
N TYR A 421 -0.09 -9.88 8.34
CA TYR A 421 -0.88 -8.90 9.05
C TYR A 421 -2.24 -9.40 9.51
N ASN A 422 -2.67 -10.58 9.06
CA ASN A 422 -4.00 -11.09 9.40
C ASN A 422 -3.97 -12.40 10.16
N TYR A 423 -3.31 -13.42 9.61
CA TYR A 423 -3.36 -14.74 10.23
C TYR A 423 -2.13 -15.52 9.78
N LYS A 424 -1.22 -15.78 10.71
CA LYS A 424 0.03 -16.50 10.46
C LYS A 424 0.03 -17.76 11.32
N LEU A 425 0.85 -18.72 10.94
CA LEU A 425 0.87 -20.03 11.57
C LEU A 425 2.24 -20.29 12.18
N PRO A 426 2.30 -21.05 13.27
CA PRO A 426 3.60 -21.30 13.90
C PRO A 426 4.50 -22.13 13.01
N ASP A 427 5.80 -22.10 13.32
CA ASP A 427 6.78 -22.82 12.51
C ASP A 427 6.46 -24.31 12.47
N ASP A 428 6.14 -24.88 13.63
CA ASP A 428 5.54 -26.20 13.67
C ASP A 428 4.03 -26.10 13.51
N PHE A 429 3.40 -27.21 13.15
CA PHE A 429 1.96 -27.22 12.97
C PHE A 429 1.45 -28.65 12.98
N THR A 430 0.36 -28.89 13.71
CA THR A 430 -0.18 -30.22 13.89
C THR A 430 -1.56 -30.37 13.26
N GLY A 431 -2.02 -29.33 12.54
CA GLY A 431 -3.23 -29.43 11.77
C GLY A 431 -2.92 -29.16 10.31
N CYS A 432 -3.93 -28.85 9.49
CA CYS A 432 -3.62 -28.46 8.12
C CYS A 432 -4.83 -27.76 7.50
N VAL A 433 -4.65 -27.33 6.25
CA VAL A 433 -5.55 -26.37 5.63
C VAL A 433 -6.27 -27.00 4.46
N ILE A 434 -7.40 -26.38 4.09
CA ILE A 434 -8.21 -26.76 2.95
C ILE A 434 -8.70 -25.48 2.28
N ALA A 435 -8.83 -25.51 0.96
CA ALA A 435 -9.33 -24.34 0.24
C ALA A 435 -10.07 -24.81 -1.00
N TRP A 436 -10.98 -23.95 -1.48
CA TRP A 436 -11.72 -24.25 -2.71
C TRP A 436 -12.24 -22.94 -3.28
N ASN A 437 -12.97 -23.05 -4.39
CA ASN A 437 -13.46 -21.91 -5.15
C ASN A 437 -14.94 -21.65 -4.84
N SER A 438 -15.29 -20.37 -4.79
CA SER A 438 -16.67 -19.94 -4.57
C SER A 438 -17.04 -18.78 -5.48
N ASN A 439 -16.59 -18.82 -6.75
CA ASN A 439 -16.76 -17.68 -7.63
C ASN A 439 -18.23 -17.35 -7.85
N ASN A 440 -19.06 -18.38 -8.05
CA ASN A 440 -20.48 -18.15 -8.28
C ASN A 440 -21.23 -17.80 -7.00
N LEU A 441 -20.85 -18.41 -5.87
CA LEU A 441 -21.45 -18.02 -4.60
C LEU A 441 -21.18 -16.56 -4.28
N ASP A 442 -19.91 -16.16 -4.33
CA ASP A 442 -19.49 -14.84 -3.90
C ASP A 442 -19.26 -13.95 -5.13
N SER A 443 -18.69 -12.77 -4.90
CA SER A 443 -18.34 -11.83 -5.96
C SER A 443 -19.57 -11.44 -6.77
N LYS A 444 -20.51 -10.79 -6.09
CA LYS A 444 -21.71 -10.29 -6.73
C LYS A 444 -21.36 -9.36 -7.89
N VAL A 445 -22.26 -9.31 -8.89
CA VAL A 445 -21.94 -8.66 -10.15
C VAL A 445 -21.55 -7.21 -9.96
N GLY A 446 -22.29 -6.48 -9.13
CA GLY A 446 -21.93 -5.13 -8.80
C GLY A 446 -20.83 -4.99 -7.77
N GLY A 447 -20.29 -6.11 -7.30
CA GLY A 447 -19.23 -6.09 -6.31
C GLY A 447 -19.75 -6.27 -4.90
N ASN A 448 -19.33 -7.35 -4.24
CA ASN A 448 -19.82 -7.64 -2.89
C ASN A 448 -19.42 -6.53 -1.93
N TYR A 449 -18.14 -6.19 -1.89
CA TYR A 449 -17.62 -5.11 -1.04
C TYR A 449 -18.01 -5.31 0.43
N ASN A 450 -18.14 -6.56 0.85
CA ASN A 450 -18.45 -6.89 2.23
C ASN A 450 -17.39 -7.81 2.82
N TYR A 451 -16.13 -7.55 2.47
CA TYR A 451 -15.02 -8.30 3.02
C TYR A 451 -13.82 -7.37 3.12
N LEU A 452 -13.26 -7.28 4.33
CA LEU A 452 -12.19 -6.34 4.62
C LEU A 452 -10.96 -7.09 5.09
N TYR A 453 -9.79 -6.47 4.91
CA TYR A 453 -8.56 -7.08 5.35
C TYR A 453 -7.58 -6.01 5.81
N ARG A 454 -6.78 -6.35 6.81
CA ARG A 454 -5.74 -5.44 7.29
C ARG A 454 -4.67 -5.29 6.23
N LEU A 455 -4.17 -4.06 6.07
CA LEU A 455 -3.04 -3.80 5.21
C LEU A 455 -2.00 -2.93 5.90
N PHE A 456 -2.34 -2.28 7.01
CA PHE A 456 -1.42 -1.56 7.87
C PHE A 456 -1.46 -2.13 9.28
N ARG A 457 -0.35 -1.96 9.99
CA ARG A 457 -0.25 -2.27 11.42
C ARG A 457 1.10 -1.76 11.91
N LYS A 458 1.18 -1.52 13.22
CA LYS A 458 2.42 -1.01 13.82
C LYS A 458 3.55 -2.02 13.74
N SER A 459 3.26 -3.30 13.98
CA SER A 459 4.31 -4.31 14.05
C SER A 459 3.79 -5.62 13.48
N ASN A 460 4.61 -6.66 13.59
CA ASN A 460 4.26 -7.98 13.09
C ASN A 460 3.24 -8.61 14.03
N LEU A 461 2.79 -9.82 13.71
CA LEU A 461 1.62 -10.41 14.33
C LEU A 461 1.99 -11.71 15.04
N LYS A 462 1.44 -11.90 16.23
CA LYS A 462 1.64 -13.15 16.95
C LYS A 462 0.75 -14.23 16.36
N PRO A 463 1.15 -15.49 16.47
CA PRO A 463 0.32 -16.58 15.94
C PRO A 463 -0.98 -16.73 16.73
N PHE A 464 -2.06 -17.01 15.99
CA PHE A 464 -3.35 -17.39 16.57
C PHE A 464 -3.89 -16.35 17.55
N GLU A 465 -3.78 -15.07 17.19
CA GLU A 465 -4.37 -14.01 18.00
C GLU A 465 -5.40 -13.28 17.13
N ARG A 466 -6.60 -13.11 17.66
CA ARG A 466 -7.63 -12.35 16.96
C ARG A 466 -7.31 -10.86 17.02
N ASP A 467 -7.59 -10.15 15.92
CA ASP A 467 -7.33 -8.72 15.81
C ASP A 467 -8.64 -8.01 15.49
N ILE A 468 -9.41 -7.71 16.54
CA ILE A 468 -10.66 -6.96 16.37
C ILE A 468 -10.42 -5.47 16.47
N SER A 469 -9.22 -5.05 16.87
CA SER A 469 -8.91 -3.64 17.07
C SER A 469 -9.26 -2.81 15.85
N THR A 470 -10.25 -1.93 16.01
CA THR A 470 -10.77 -1.11 14.92
C THR A 470 -10.38 0.35 15.15
N GLU A 471 -9.15 0.57 15.59
CA GLU A 471 -8.66 1.89 15.92
C GLU A 471 -7.66 2.38 14.88
N ILE A 472 -7.52 3.71 14.81
CA ILE A 472 -6.74 4.35 13.77
C ILE A 472 -5.29 3.90 13.81
N TYR A 473 -4.66 3.85 12.64
CA TYR A 473 -3.23 3.61 12.51
C TYR A 473 -2.59 4.82 11.85
N GLN A 474 -1.35 5.12 12.25
CA GLN A 474 -0.64 6.28 11.75
C GLN A 474 0.56 5.86 10.92
N ALA A 475 0.80 6.61 9.84
CA ALA A 475 2.04 6.43 9.09
C ALA A 475 3.25 6.76 9.95
N GLY A 476 3.15 7.83 10.73
CA GLY A 476 4.23 8.22 11.62
C GLY A 476 4.29 9.72 11.77
N SER A 477 4.90 10.15 12.87
CA SER A 477 5.19 11.54 13.17
C SER A 477 3.94 12.37 13.42
N THR A 478 2.76 11.78 13.23
CA THR A 478 1.50 12.48 13.41
C THR A 478 0.43 11.51 13.92
N PRO A 479 0.01 11.62 15.18
CA PRO A 479 -1.21 10.93 15.61
C PRO A 479 -2.44 11.76 15.30
N CYS A 480 -3.33 11.24 14.47
CA CYS A 480 -4.41 12.15 14.07
C CYS A 480 -5.54 12.24 15.09
N ASN A 481 -5.45 11.50 16.20
CA ASN A 481 -6.35 11.69 17.35
C ASN A 481 -7.82 11.52 16.96
N GLY A 482 -8.09 10.48 16.17
CA GLY A 482 -9.46 10.17 15.80
C GLY A 482 -10.12 11.24 14.94
N VAL A 483 -9.42 11.69 13.91
CA VAL A 483 -9.96 12.68 12.98
C VAL A 483 -10.08 11.99 11.63
N GLU A 484 -10.41 10.69 11.67
CA GLU A 484 -10.22 9.74 10.58
C GLU A 484 -10.38 10.32 9.19
N GLY A 485 -9.39 10.06 8.34
CA GLY A 485 -9.28 10.73 7.06
C GLY A 485 -7.82 10.88 6.67
N PHE A 486 -7.39 12.10 6.44
CA PHE A 486 -6.01 12.38 6.01
C PHE A 486 -5.01 11.71 6.93
N ASN A 487 -4.22 10.80 6.36
CA ASN A 487 -3.12 10.13 7.04
C ASN A 487 -3.60 9.17 8.13
N CYS A 488 -4.91 9.13 8.38
CA CYS A 488 -5.41 8.27 9.45
C CYS A 488 -5.47 6.81 9.01
N TYR A 489 -5.51 6.55 7.70
CA TYR A 489 -5.23 5.24 7.11
C TYR A 489 -6.06 4.13 7.79
N PHE A 490 -7.37 4.22 7.61
CA PHE A 490 -8.36 3.28 8.15
C PHE A 490 -7.90 1.84 7.93
N PRO A 491 -7.65 1.07 9.00
CA PRO A 491 -6.98 -0.23 8.87
C PRO A 491 -7.84 -1.33 8.25
N LEU A 492 -8.61 -0.96 7.21
CA LEU A 492 -9.53 -1.89 6.57
C LEU A 492 -9.75 -1.43 5.14
N GLN A 493 -9.12 -2.10 4.19
CA GLN A 493 -9.34 -1.84 2.78
C GLN A 493 -10.11 -3.00 2.16
N SER A 494 -11.00 -2.68 1.23
CA SER A 494 -11.98 -3.64 0.73
C SER A 494 -11.41 -4.41 -0.46
N TYR A 495 -11.82 -5.69 -0.57
CA TYR A 495 -11.36 -6.51 -1.68
C TYR A 495 -11.79 -5.95 -3.02
N GLY A 496 -13.03 -5.47 -3.13
CA GLY A 496 -13.53 -4.96 -4.39
C GLY A 496 -13.66 -6.02 -5.46
N PHE A 497 -14.34 -7.13 -5.13
CA PHE A 497 -14.52 -8.20 -6.10
C PHE A 497 -15.39 -7.73 -7.27
N GLN A 498 -15.13 -8.31 -8.44
CA GLN A 498 -15.96 -8.12 -9.61
C GLN A 498 -16.13 -9.46 -10.30
N PRO A 499 -17.23 -9.68 -11.00
CA PRO A 499 -17.47 -11.00 -11.61
C PRO A 499 -16.47 -11.39 -12.67
N THR A 500 -15.74 -10.44 -13.26
CA THR A 500 -14.83 -10.74 -14.36
C THR A 500 -13.43 -10.18 -14.11
N ASN A 501 -13.00 -10.09 -12.85
CA ASN A 501 -11.62 -9.66 -12.58
C ASN A 501 -10.62 -10.68 -13.11
N GLY A 502 -10.90 -11.96 -12.96
CA GLY A 502 -10.01 -13.01 -13.38
C GLY A 502 -9.85 -14.09 -12.33
N VAL A 503 -9.38 -15.25 -12.78
CA VAL A 503 -9.26 -16.39 -11.89
C VAL A 503 -8.26 -16.12 -10.77
N GLY A 504 -7.29 -15.25 -11.03
CA GLY A 504 -6.33 -14.90 -10.00
C GLY A 504 -6.88 -14.03 -8.89
N TYR A 505 -8.07 -13.45 -9.09
CA TYR A 505 -8.69 -12.59 -8.08
C TYR A 505 -10.03 -13.10 -7.57
N GLN A 506 -10.57 -14.17 -8.15
CA GLN A 506 -11.86 -14.66 -7.71
C GLN A 506 -11.78 -15.15 -6.27
N PRO A 507 -12.82 -14.93 -5.45
CA PRO A 507 -12.74 -15.31 -4.05
C PRO A 507 -12.61 -16.81 -3.87
N TYR A 508 -11.75 -17.20 -2.93
CA TYR A 508 -11.55 -18.58 -2.55
C TYR A 508 -11.87 -18.72 -1.07
N ARG A 509 -12.55 -19.82 -0.72
CA ARG A 509 -12.90 -20.12 0.65
C ARG A 509 -11.86 -21.05 1.26
N VAL A 510 -11.31 -20.63 2.40
CA VAL A 510 -10.22 -21.34 3.05
C VAL A 510 -10.63 -21.66 4.49
N VAL A 511 -10.29 -22.88 4.92
CA VAL A 511 -10.43 -23.28 6.31
C VAL A 511 -9.12 -23.88 6.76
N VAL A 512 -8.87 -23.85 8.06
CA VAL A 512 -7.71 -24.47 8.68
C VAL A 512 -8.17 -25.22 9.91
N LEU A 513 -7.69 -26.45 10.06
CA LEU A 513 -8.03 -27.29 11.20
C LEU A 513 -6.73 -27.58 11.95
N SER A 514 -6.49 -26.82 13.00
CA SER A 514 -5.35 -27.06 13.87
C SER A 514 -5.71 -28.10 14.93
N PHE A 515 -4.81 -29.04 15.17
CA PHE A 515 -5.05 -30.13 16.09
C PHE A 515 -4.15 -29.95 17.31
N GLU A 516 -4.74 -29.96 18.50
CA GLU A 516 -3.99 -29.69 19.71
C GLU A 516 -4.09 -30.88 20.65
N LEU A 517 -2.93 -31.38 21.09
CA LEU A 517 -2.83 -32.52 22.00
C LEU A 517 -2.41 -31.99 23.35
N LEU A 518 -3.39 -31.76 24.21
CA LEU A 518 -3.14 -31.32 25.58
C LEU A 518 -2.88 -32.53 26.47
N HIS A 519 -2.38 -32.26 27.67
CA HIS A 519 -2.17 -33.33 28.65
C HIS A 519 -3.48 -34.02 29.02
N ALA A 520 -4.62 -33.39 28.76
CA ALA A 520 -5.91 -34.02 28.96
C ALA A 520 -6.10 -35.14 27.94
N PRO A 521 -6.94 -36.13 28.26
CA PRO A 521 -7.13 -37.26 27.34
C PRO A 521 -7.66 -36.81 25.98
N ALA A 522 -7.20 -37.50 24.94
CA ALA A 522 -7.60 -37.24 23.58
C ALA A 522 -8.94 -37.91 23.28
N THR A 523 -9.75 -37.23 22.49
CA THR A 523 -11.11 -37.69 22.21
C THR A 523 -11.46 -37.75 20.73
N VAL A 524 -10.90 -36.86 19.91
CA VAL A 524 -11.46 -36.58 18.58
C VAL A 524 -10.85 -37.59 17.61
N CYS A 525 -11.40 -38.80 17.63
CA CYS A 525 -11.04 -39.85 16.68
C CYS A 525 -12.22 -40.80 16.51
N GLY A 526 -12.48 -41.16 15.26
CA GLY A 526 -13.79 -41.64 14.86
C GLY A 526 -13.89 -43.10 14.42
N PRO A 527 -13.88 -43.30 13.09
CA PRO A 527 -14.56 -44.49 12.53
C PRO A 527 -14.14 -45.83 13.09
N LYS A 528 -12.86 -46.00 13.43
CA LYS A 528 -12.31 -47.26 13.95
C LYS A 528 -12.88 -48.51 13.27
N VAL B 27 -0.17 2.73 -16.03
CA VAL B 27 -0.22 3.96 -15.25
C VAL B 27 0.07 5.18 -16.13
N GLN B 28 -0.99 5.84 -16.58
CA GLN B 28 -0.89 7.00 -17.44
C GLN B 28 -1.77 8.12 -16.90
N LEU B 29 -1.34 9.35 -17.18
CA LEU B 29 -2.04 10.55 -16.73
C LEU B 29 -2.21 11.51 -17.90
N VAL B 30 -3.31 12.27 -17.85
CA VAL B 30 -3.63 13.26 -18.86
C VAL B 30 -4.12 14.52 -18.15
N GLU B 31 -3.72 15.67 -18.69
CA GLU B 31 -4.07 16.95 -18.08
C GLU B 31 -4.70 17.85 -19.13
N SER B 32 -5.48 18.82 -18.65
CA SER B 32 -6.08 19.83 -19.50
C SER B 32 -6.47 21.02 -18.63
N GLY B 33 -6.74 22.14 -19.28
CA GLY B 33 -7.22 23.33 -18.60
C GLY B 33 -6.23 24.47 -18.50
N GLY B 34 -4.96 24.25 -18.85
CA GLY B 34 -3.97 25.31 -18.83
C GLY B 34 -3.94 26.08 -20.14
N GLY B 35 -3.02 27.04 -20.19
CA GLY B 35 -2.79 27.79 -21.40
C GLY B 35 -2.47 29.24 -21.08
N LEU B 36 -2.71 30.09 -22.08
CA LEU B 36 -2.44 31.53 -21.98
C LEU B 36 -3.72 32.26 -21.59
N VAL B 37 -3.68 32.96 -20.45
CA VAL B 37 -4.86 33.67 -19.95
C VAL B 37 -4.43 35.05 -19.46
N GLN B 38 -5.39 35.95 -19.40
CA GLN B 38 -5.16 37.30 -18.88
C GLN B 38 -5.33 37.32 -17.37
N PRO B 39 -4.64 38.23 -16.68
CA PRO B 39 -4.79 38.32 -15.23
C PRO B 39 -6.20 38.73 -14.83
N GLY B 40 -6.61 38.29 -13.64
CA GLY B 40 -7.88 38.69 -13.08
C GLY B 40 -9.05 37.79 -13.43
N ARG B 41 -8.85 36.74 -14.20
CA ARG B 41 -9.93 35.86 -14.58
C ARG B 41 -9.94 34.60 -13.69
N SER B 42 -10.80 33.64 -14.01
CA SER B 42 -10.89 32.38 -13.29
C SER B 42 -10.66 31.23 -14.25
N LEU B 43 -9.93 30.23 -13.80
CA LEU B 43 -9.48 29.14 -14.67
C LEU B 43 -9.73 27.80 -13.97
N ARG B 44 -9.81 26.74 -14.77
CA ARG B 44 -10.06 25.41 -14.24
C ARG B 44 -9.11 24.42 -14.88
N VAL B 45 -8.61 23.47 -14.09
CA VAL B 45 -7.66 22.46 -14.58
C VAL B 45 -8.19 21.08 -14.20
N SER B 46 -8.15 20.15 -15.14
CA SER B 46 -8.55 18.77 -14.92
C SER B 46 -7.36 17.85 -15.14
N CYS B 47 -7.24 16.84 -14.29
CA CYS B 47 -6.23 15.81 -14.48
C CYS B 47 -6.84 14.44 -14.21
N ALA B 48 -6.74 13.55 -15.18
CA ALA B 48 -7.26 12.20 -15.07
C ALA B 48 -6.11 11.20 -15.16
N ALA B 49 -6.38 9.98 -14.70
CA ALA B 49 -5.35 8.94 -14.68
C ALA B 49 -6.00 7.58 -14.83
N SER B 50 -5.19 6.61 -15.21
CA SER B 50 -5.66 5.23 -15.35
C SER B 50 -4.48 4.28 -15.15
N GLY B 51 -4.80 3.04 -14.81
CA GLY B 51 -3.78 2.02 -14.65
C GLY B 51 -3.57 1.59 -13.21
N PHE B 52 -4.53 1.88 -12.34
CA PHE B 52 -4.43 1.55 -10.93
C PHE B 52 -5.82 1.71 -10.31
N THR B 53 -5.89 1.53 -8.99
CA THR B 53 -7.14 1.68 -8.25
C THR B 53 -7.17 3.08 -7.66
N PHE B 54 -8.06 3.93 -8.19
CA PHE B 54 -8.07 5.34 -7.84
C PHE B 54 -8.66 5.62 -6.45
N ASP B 55 -9.32 4.64 -5.83
CA ASP B 55 -9.95 4.89 -4.54
C ASP B 55 -8.95 5.26 -3.46
N ASP B 56 -7.68 4.97 -3.67
CA ASP B 56 -6.59 5.24 -2.73
C ASP B 56 -5.63 6.23 -3.39
N TYR B 57 -4.43 6.36 -2.81
CA TYR B 57 -3.36 7.13 -3.43
C TYR B 57 -3.73 8.61 -3.54
N ALA B 58 -3.82 9.24 -2.37
CA ALA B 58 -4.10 10.67 -2.27
C ALA B 58 -3.37 11.48 -3.33
N MET B 59 -4.13 12.31 -4.04
CA MET B 59 -3.64 12.99 -5.23
C MET B 59 -2.89 14.25 -4.83
N HIS B 60 -2.02 14.74 -5.72
CA HIS B 60 -1.22 15.92 -5.40
C HIS B 60 -0.98 16.75 -6.64
N TRP B 61 -0.61 18.03 -6.42
CA TRP B 61 -0.23 18.99 -7.45
C TRP B 61 1.07 19.68 -7.08
N VAL B 62 1.92 19.87 -8.08
CA VAL B 62 3.22 20.54 -7.94
C VAL B 62 3.36 21.55 -9.07
N ARG B 63 4.11 22.61 -8.80
CA ARG B 63 4.37 23.65 -9.79
C ARG B 63 5.87 23.76 -10.03
N GLN B 64 6.23 24.25 -11.21
CA GLN B 64 7.63 24.48 -11.56
C GLN B 64 7.72 25.67 -12.49
N THR B 65 8.28 26.77 -11.99
CA THR B 65 8.56 27.90 -12.87
C THR B 65 9.76 27.59 -13.77
N PRO B 66 9.74 28.03 -15.02
CA PRO B 66 10.82 27.66 -15.94
C PRO B 66 12.17 28.16 -15.45
N ARG B 67 13.19 27.31 -15.66
CA ARG B 67 14.59 27.63 -15.37
C ARG B 67 14.81 28.02 -13.91
N LYS B 68 14.00 27.49 -13.01
CA LYS B 68 14.13 27.75 -11.58
C LYS B 68 13.53 26.59 -10.81
N GLY B 69 13.86 26.51 -9.53
CA GLY B 69 13.42 25.41 -8.68
C GLY B 69 11.92 25.25 -8.60
N LEU B 70 11.45 24.01 -8.75
CA LEU B 70 10.03 23.71 -8.67
C LEU B 70 9.54 23.81 -7.23
N GLU B 71 8.22 23.80 -7.07
CA GLU B 71 7.63 23.90 -5.74
C GLU B 71 6.30 23.17 -5.71
N TRP B 72 6.05 22.49 -4.58
CA TRP B 72 4.80 21.79 -4.37
C TRP B 72 3.63 22.76 -4.28
N VAL B 73 2.45 22.28 -4.66
CA VAL B 73 1.23 23.09 -4.64
C VAL B 73 0.24 22.58 -3.60
N ALA B 74 -0.22 21.35 -3.75
CA ALA B 74 -1.30 20.86 -2.90
C ALA B 74 -1.31 19.34 -2.88
N GLY B 75 -2.15 18.79 -2.01
CA GLY B 75 -2.37 17.36 -1.87
C GLY B 75 -3.40 17.14 -0.79
N ILE B 76 -4.38 16.27 -1.01
CA ILE B 76 -5.57 16.38 -0.17
C ILE B 76 -5.80 15.19 0.76
N SER B 77 -6.14 14.02 0.24
CA SER B 77 -6.62 12.94 1.11
C SER B 77 -6.99 11.73 0.25
N ARG B 78 -7.36 10.65 0.93
CA ARG B 78 -7.90 9.48 0.26
C ARG B 78 -9.38 9.61 -0.03
N ASN B 79 -10.20 9.71 1.02
CA ASN B 79 -11.65 9.82 0.87
C ASN B 79 -12.12 11.28 0.92
N SER B 80 -11.50 12.13 0.10
CA SER B 80 -11.84 13.56 0.04
C SER B 80 -11.87 14.18 1.44
N ALA B 81 -10.99 13.72 2.31
CA ALA B 81 -10.93 14.15 3.70
C ALA B 81 -10.20 15.49 3.79
N ALA B 82 -9.79 15.85 5.01
CA ALA B 82 -9.11 17.11 5.28
C ALA B 82 -8.02 17.39 4.26
N ILE B 83 -7.92 18.66 3.86
CA ILE B 83 -7.06 19.08 2.77
C ILE B 83 -6.04 20.09 3.28
N ALA B 84 -5.04 20.39 2.46
CA ALA B 84 -4.01 21.36 2.82
C ALA B 84 -3.50 22.04 1.56
N TYR B 85 -2.99 23.26 1.74
CA TYR B 85 -2.54 24.06 0.61
C TYR B 85 -1.22 24.73 0.97
N ALA B 86 -0.55 25.24 -0.06
CA ALA B 86 0.64 26.05 0.15
C ALA B 86 0.25 27.38 0.79
N ASP B 87 1.15 27.91 1.63
CA ASP B 87 0.86 29.16 2.34
C ASP B 87 0.68 30.32 1.38
N SER B 88 1.49 30.37 0.31
CA SER B 88 1.46 31.51 -0.60
C SER B 88 0.10 31.66 -1.28
N VAL B 89 -0.55 30.53 -1.59
CA VAL B 89 -1.79 30.54 -2.34
C VAL B 89 -2.93 29.88 -1.57
N LYS B 90 -2.83 29.78 -0.25
CA LYS B 90 -3.88 29.14 0.53
C LYS B 90 -5.18 29.93 0.44
N GLY B 91 -6.27 29.20 0.23
CA GLY B 91 -7.60 29.81 0.22
C GLY B 91 -8.00 30.38 -1.13
N ARG B 92 -7.02 30.81 -1.92
CA ARG B 92 -7.32 31.44 -3.20
C ARG B 92 -7.76 30.42 -4.24
N PHE B 93 -7.20 29.22 -4.20
CA PHE B 93 -7.51 28.16 -5.15
C PHE B 93 -8.29 27.07 -4.42
N THR B 94 -8.87 26.14 -5.18
CA THR B 94 -9.58 25.04 -4.54
C THR B 94 -9.41 23.76 -5.34
N ILE B 95 -9.77 22.64 -4.69
CA ILE B 95 -9.53 21.30 -5.20
C ILE B 95 -10.84 20.52 -5.21
N SER B 96 -10.85 19.43 -5.98
CA SER B 96 -11.97 18.49 -5.97
C SER B 96 -11.47 17.14 -6.45
N ARG B 97 -11.85 16.07 -5.75
CA ARG B 97 -11.45 14.72 -6.09
C ARG B 97 -12.60 14.04 -6.84
N ASP B 98 -12.46 13.92 -8.16
CA ASP B 98 -13.47 13.27 -8.99
C ASP B 98 -13.31 11.77 -8.83
N ASN B 99 -13.97 11.23 -7.80
CA ASN B 99 -13.90 9.79 -7.54
C ASN B 99 -14.51 9.00 -8.70
N ALA B 100 -15.59 9.49 -9.28
CA ALA B 100 -16.30 8.76 -10.32
C ALA B 100 -15.41 8.49 -11.54
N LYS B 101 -15.02 9.54 -12.25
CA LYS B 101 -14.13 9.38 -13.40
C LYS B 101 -12.68 9.61 -13.02
N ASN B 102 -12.25 8.98 -11.92
CA ASN B 102 -10.85 8.82 -11.49
C ASN B 102 -9.97 10.02 -11.88
N SER B 103 -10.38 11.20 -11.44
CA SER B 103 -9.68 12.41 -11.84
C SER B 103 -9.68 13.41 -10.69
N VAL B 104 -9.25 14.63 -10.99
CA VAL B 104 -9.13 15.69 -10.00
C VAL B 104 -9.31 17.03 -10.71
N PHE B 105 -10.08 17.92 -10.09
CA PHE B 105 -10.27 19.29 -10.54
C PHE B 105 -9.52 20.25 -9.64
N LEU B 106 -9.03 21.33 -10.26
CA LEU B 106 -8.30 22.37 -9.54
C LEU B 106 -8.79 23.72 -10.09
N GLN B 107 -9.47 24.48 -9.24
CA GLN B 107 -10.00 25.78 -9.63
C GLN B 107 -9.02 26.87 -9.22
N MET B 108 -8.61 27.67 -10.21
CA MET B 108 -7.63 28.74 -10.08
C MET B 108 -8.39 30.06 -10.05
N ASN B 109 -8.19 30.84 -9.00
CA ASN B 109 -8.89 32.11 -8.84
C ASN B 109 -7.89 33.22 -8.52
N GLY B 110 -8.19 34.42 -9.00
CA GLY B 110 -7.30 35.55 -8.83
C GLY B 110 -5.93 35.29 -9.44
N LEU B 111 -5.87 35.24 -10.77
CA LEU B 111 -4.63 34.88 -11.45
C LEU B 111 -3.54 35.90 -11.19
N ARG B 112 -2.30 35.40 -11.06
CA ARG B 112 -1.11 36.24 -10.96
C ARG B 112 -0.10 35.80 -12.00
N ALA B 113 0.67 36.78 -12.51
CA ALA B 113 1.71 36.46 -13.48
C ALA B 113 2.76 35.53 -12.90
N ASP B 114 2.91 35.53 -11.57
CA ASP B 114 3.86 34.61 -10.94
C ASP B 114 3.42 33.16 -11.13
N ASP B 115 2.11 32.92 -11.27
CA ASP B 115 1.60 31.57 -11.42
C ASP B 115 2.01 30.94 -12.75
N THR B 116 2.50 31.75 -13.69
CA THR B 116 3.00 31.23 -14.96
C THR B 116 4.10 30.20 -14.72
N ALA B 117 3.80 28.94 -15.06
CA ALA B 117 4.71 27.84 -14.79
C ALA B 117 4.16 26.57 -15.45
N LEU B 118 4.93 25.49 -15.31
CA LEU B 118 4.49 24.16 -15.70
C LEU B 118 3.85 23.50 -14.48
N TYR B 119 2.67 22.91 -14.67
CA TYR B 119 1.91 22.34 -13.57
C TYR B 119 1.84 20.82 -13.73
N TYR B 120 2.09 20.11 -12.65
CA TYR B 120 2.11 18.65 -12.62
C TYR B 120 1.06 18.14 -11.65
N CYS B 121 0.29 17.14 -12.09
CA CYS B 121 -0.56 16.38 -11.20
C CYS B 121 0.12 15.03 -10.95
N VAL B 122 0.28 14.68 -9.69
CA VAL B 122 1.13 13.56 -9.29
C VAL B 122 0.39 12.64 -8.35
N LYS B 123 0.52 11.33 -8.58
CA LYS B 123 -0.05 10.26 -7.78
C LYS B 123 0.83 10.00 -6.55
N SER B 124 0.37 9.16 -5.64
CA SER B 124 1.13 8.84 -4.44
C SER B 124 1.16 7.34 -4.19
N PRO B 125 2.19 6.82 -3.50
CA PRO B 125 2.24 5.37 -3.21
C PRO B 125 1.46 5.00 -1.96
N ARG B 126 1.61 3.74 -1.52
CA ARG B 126 0.92 3.25 -0.34
C ARG B 126 1.82 2.41 0.55
N TYR B 127 3.08 2.22 0.17
CA TYR B 127 3.97 1.26 0.82
C TYR B 127 5.21 1.97 1.36
N GLY B 128 6.12 1.18 1.91
CA GLY B 128 7.42 1.67 2.32
C GLY B 128 7.64 1.48 3.81
N TRP B 129 8.63 2.20 4.32
CA TRP B 129 8.96 2.14 5.74
C TRP B 129 7.92 2.88 6.57
N GLY B 130 7.78 4.18 6.34
CA GLY B 130 6.75 4.95 7.01
C GLY B 130 5.48 5.04 6.19
N SER B 131 5.60 4.72 4.90
CA SER B 131 4.48 4.81 3.96
C SER B 131 3.79 6.18 4.00
N PRO B 132 4.52 7.27 3.73
CA PRO B 132 3.90 8.60 3.82
C PRO B 132 3.18 8.95 2.54
N ASP B 133 1.97 9.50 2.67
CA ASP B 133 1.21 9.91 1.50
C ASP B 133 1.87 11.05 0.73
N TYR B 134 2.76 11.79 1.37
CA TYR B 134 3.45 12.88 0.66
C TYR B 134 4.48 12.38 -0.33
N SER B 135 4.69 11.07 -0.43
CA SER B 135 5.61 10.54 -1.41
C SER B 135 5.04 10.73 -2.81
N PHE B 136 5.91 11.00 -3.78
CA PHE B 136 5.51 11.35 -5.13
C PHE B 136 6.11 10.35 -6.12
N ASP B 137 5.28 9.87 -7.04
CA ASP B 137 5.69 8.94 -8.08
C ASP B 137 4.57 8.85 -9.11
N PHE B 138 4.85 8.15 -10.21
CA PHE B 138 3.90 8.00 -11.32
C PHE B 138 3.39 9.34 -11.83
N TRP B 139 4.29 10.30 -12.02
CA TRP B 139 3.88 11.64 -12.42
C TRP B 139 3.36 11.65 -13.85
N GLY B 140 2.62 12.70 -14.18
CA GLY B 140 2.03 12.85 -15.50
C GLY B 140 2.91 13.57 -16.49
N ARG B 141 2.39 14.64 -17.08
CA ARG B 141 3.13 15.41 -18.08
C ARG B 141 3.24 16.90 -17.75
N GLY B 142 2.18 17.50 -17.23
CA GLY B 142 2.19 18.91 -16.90
C GLY B 142 1.64 19.79 -18.02
N THR B 143 1.11 20.94 -17.62
CA THR B 143 0.55 21.90 -18.56
C THR B 143 1.17 23.27 -18.33
N LEU B 144 1.42 23.98 -19.42
CA LEU B 144 1.92 25.34 -19.34
C LEU B 144 0.78 26.30 -19.01
N VAL B 145 0.99 27.16 -18.03
CA VAL B 145 0.01 28.16 -17.64
C VAL B 145 0.70 29.52 -17.58
N THR B 146 0.14 30.49 -18.29
CA THR B 146 0.72 31.82 -18.34
C THR B 146 -0.36 32.86 -18.05
N VAL B 147 -0.01 33.83 -17.20
CA VAL B 147 -0.92 34.90 -16.79
C VAL B 147 -0.26 36.21 -17.22
N SER B 148 -0.78 36.82 -18.28
CA SER B 148 -0.22 38.05 -18.80
C SER B 148 -1.21 38.76 -19.73
N ILE C 27 10.21 26.47 6.90
CA ILE C 27 11.27 25.47 6.94
C ILE C 27 12.13 25.58 5.70
N GLN C 28 13.44 25.74 5.91
CA GLN C 28 14.39 25.96 4.83
C GLN C 28 15.25 24.73 4.64
N LEU C 29 15.43 24.32 3.39
CA LEU C 29 16.17 23.12 3.04
C LEU C 29 17.30 23.49 2.07
N THR C 30 18.48 22.92 2.29
CA THR C 30 19.65 23.26 1.49
C THR C 30 20.30 22.00 0.96
N GLN C 31 21.05 22.17 -0.14
CA GLN C 31 21.76 21.07 -0.77
C GLN C 31 23.18 21.50 -1.08
N SER C 32 24.07 20.50 -1.20
CA SER C 32 25.45 20.78 -1.53
C SER C 32 26.03 19.60 -2.32
N PRO C 33 26.70 19.84 -3.46
CA PRO C 33 26.87 21.18 -4.04
C PRO C 33 25.64 21.64 -4.80
N SER C 34 25.58 22.94 -5.13
CA SER C 34 24.52 23.44 -5.98
C SER C 34 24.56 22.80 -7.37
N SER C 35 25.75 22.60 -7.90
CA SER C 35 25.93 21.95 -9.19
C SER C 35 27.32 21.35 -9.24
N LEU C 36 27.51 20.41 -10.16
CA LEU C 36 28.81 19.75 -10.32
C LEU C 36 28.92 19.20 -11.73
N SER C 37 30.15 18.93 -12.13
CA SER C 37 30.44 18.29 -13.41
C SER C 37 31.31 17.07 -13.15
N ALA C 38 30.87 15.91 -13.63
CA ALA C 38 31.57 14.66 -13.35
C ALA C 38 31.77 13.83 -14.61
N SER C 39 32.23 12.59 -14.45
CA SER C 39 32.49 11.70 -15.56
C SER C 39 31.96 10.31 -15.23
N VAL C 40 32.24 9.36 -16.11
CA VAL C 40 31.66 8.02 -15.99
C VAL C 40 32.35 7.25 -14.86
N GLY C 41 31.54 6.61 -14.02
CA GLY C 41 32.06 5.75 -12.97
C GLY C 41 32.56 6.47 -11.74
N ASP C 42 32.32 7.76 -11.60
CA ASP C 42 32.86 8.51 -10.49
C ASP C 42 32.14 8.18 -9.19
N ARG C 43 32.83 8.42 -8.08
CA ARG C 43 32.25 8.30 -6.75
C ARG C 43 31.59 9.63 -6.42
N VAL C 44 30.29 9.71 -6.69
CA VAL C 44 29.55 10.96 -6.51
C VAL C 44 28.91 10.96 -5.13
N THR C 45 28.79 12.16 -4.56
CA THR C 45 28.22 12.30 -3.23
C THR C 45 27.60 13.69 -3.12
N ILE C 46 26.33 13.72 -2.73
CA ILE C 46 25.59 14.97 -2.56
C ILE C 46 24.89 14.96 -1.21
N THR C 47 25.02 16.06 -0.47
CA THR C 47 24.47 16.16 0.86
C THR C 47 23.31 17.14 0.89
N CYS C 48 22.44 16.97 1.88
CA CYS C 48 21.23 17.74 2.04
C CYS C 48 21.05 18.05 3.52
N ARG C 49 20.78 19.32 3.84
CA ARG C 49 20.65 19.77 5.21
C ARG C 49 19.29 20.41 5.44
N ALA C 50 18.65 20.02 6.54
CA ALA C 50 17.37 20.57 6.96
C ALA C 50 17.58 21.56 8.09
N SER C 51 16.72 22.58 8.13
CA SER C 51 16.81 23.59 9.17
C SER C 51 16.48 23.00 10.55
N GLN C 52 15.49 22.12 10.61
CA GLN C 52 15.06 21.51 11.86
C GLN C 52 15.07 20.00 11.70
N ASN C 53 15.20 19.30 12.83
CA ASN C 53 15.24 17.85 12.83
C ASN C 53 13.94 17.26 12.27
N ILE C 54 14.03 16.65 11.09
CA ILE C 54 12.87 16.04 10.48
C ILE C 54 12.85 14.52 10.70
N GLY C 55 13.97 13.96 11.13
CA GLY C 55 14.05 12.52 11.30
C GLY C 55 14.72 11.86 10.10
N THR C 56 13.95 11.05 9.37
CA THR C 56 14.47 10.39 8.17
C THR C 56 13.53 10.45 6.98
N TYR C 57 12.34 11.02 7.12
CA TYR C 57 11.33 10.95 6.06
C TYR C 57 11.73 11.70 4.79
N LEU C 58 12.92 12.29 4.74
CA LEU C 58 13.32 13.05 3.56
C LEU C 58 13.38 12.15 2.33
N ASN C 59 13.16 12.74 1.17
CA ASN C 59 13.01 11.99 -0.07
C ASN C 59 14.00 12.52 -1.11
N TRP C 60 14.33 11.67 -2.07
CA TRP C 60 15.28 12.01 -3.14
C TRP C 60 14.65 11.71 -4.49
N TYR C 61 14.57 12.73 -5.34
CA TYR C 61 13.90 12.68 -6.63
C TYR C 61 14.92 13.01 -7.72
N GLN C 62 14.67 12.54 -8.94
CA GLN C 62 15.45 12.95 -10.10
C GLN C 62 14.52 13.36 -11.22
N GLN C 63 15.04 14.22 -12.09
CA GLN C 63 14.36 14.61 -13.32
C GLN C 63 15.41 14.73 -14.42
N GLU C 64 15.32 13.85 -15.42
CA GLU C 64 16.18 13.96 -16.58
C GLU C 64 15.54 14.90 -17.61
N PRO C 65 16.36 15.54 -18.44
CA PRO C 65 15.82 16.55 -19.36
C PRO C 65 14.85 15.94 -20.37
N GLY C 66 13.59 16.36 -20.27
CA GLY C 66 12.59 16.06 -21.28
C GLY C 66 11.38 15.28 -20.82
N LYS C 67 11.46 14.49 -19.76
CA LYS C 67 10.32 13.66 -19.38
C LYS C 67 9.97 13.77 -17.91
N ALA C 68 9.07 12.88 -17.46
CA ALA C 68 8.46 12.98 -16.13
C ALA C 68 9.41 12.48 -15.05
N PRO C 69 9.57 13.21 -13.96
CA PRO C 69 10.38 12.71 -12.83
C PRO C 69 9.74 11.51 -12.18
N LYS C 70 10.57 10.71 -11.50
CA LYS C 70 10.13 9.49 -10.83
C LYS C 70 10.74 9.40 -9.44
N LEU C 71 10.20 8.49 -8.64
CA LEU C 71 10.70 8.28 -7.28
C LEU C 71 11.99 7.49 -7.30
N LEU C 72 12.97 7.96 -6.52
CA LEU C 72 14.23 7.24 -6.36
C LEU C 72 14.45 6.76 -4.93
N ILE C 73 14.46 7.67 -3.96
CA ILE C 73 14.68 7.28 -2.58
C ILE C 73 13.56 7.86 -1.73
N TYR C 74 12.98 7.04 -0.87
CA TYR C 74 12.00 7.52 0.10
C TYR C 74 12.40 7.07 1.49
N ALA C 75 12.14 7.94 2.47
CA ALA C 75 12.58 7.81 3.85
C ALA C 75 14.10 7.80 3.98
N ALA C 76 14.81 8.27 2.95
CA ALA C 76 16.26 8.39 2.95
C ALA C 76 16.99 7.07 3.17
N SER C 77 16.27 5.95 3.16
CA SER C 77 16.89 4.66 3.42
C SER C 77 16.33 3.55 2.55
N SER C 78 15.42 3.84 1.62
CA SER C 78 14.80 2.82 0.78
C SER C 78 15.09 3.12 -0.68
N LEU C 79 15.58 2.12 -1.40
CA LEU C 79 15.93 2.27 -2.80
C LEU C 79 14.78 1.73 -3.65
N GLN C 80 14.40 2.49 -4.67
CA GLN C 80 13.21 2.18 -5.45
C GLN C 80 13.38 0.90 -6.24
N SER C 81 12.27 0.18 -6.43
CA SER C 81 12.28 -1.04 -7.22
C SER C 81 12.50 -0.72 -8.69
N GLY C 82 13.06 -1.68 -9.42
CA GLY C 82 13.38 -1.46 -10.82
C GLY C 82 14.40 -0.37 -11.03
N VAL C 83 15.36 -0.24 -10.12
CA VAL C 83 16.37 0.80 -10.18
C VAL C 83 17.73 0.15 -9.95
N PRO C 84 18.79 0.59 -10.62
CA PRO C 84 20.12 0.01 -10.38
C PRO C 84 20.54 0.17 -8.93
N SER C 85 21.20 -0.88 -8.41
CA SER C 85 21.63 -0.88 -7.02
C SER C 85 22.81 0.05 -6.77
N ARG C 86 23.39 0.61 -7.83
CA ARG C 86 24.52 1.51 -7.68
C ARG C 86 24.16 2.73 -6.84
N PHE C 87 22.88 3.11 -6.81
CA PHE C 87 22.45 4.22 -5.98
C PHE C 87 22.57 3.85 -4.51
N SER C 88 22.79 4.85 -3.66
CA SER C 88 22.77 4.60 -2.23
C SER C 88 22.35 5.88 -1.51
N GLY C 89 21.61 5.71 -0.42
CA GLY C 89 21.16 6.85 0.36
C GLY C 89 21.36 6.59 1.84
N SER C 90 21.62 7.67 2.57
CA SER C 90 21.81 7.56 4.01
C SER C 90 21.51 8.91 4.64
N GLY C 91 21.56 8.95 5.96
CA GLY C 91 21.40 10.18 6.70
C GLY C 91 20.33 10.06 7.78
N SER C 92 20.28 11.09 8.62
CA SER C 92 19.33 11.19 9.72
C SER C 92 19.42 12.60 10.29
N GLY C 93 18.59 12.87 11.29
CA GLY C 93 18.59 14.15 11.95
C GLY C 93 18.23 15.27 11.00
N THR C 94 19.23 16.06 10.60
CA THR C 94 19.07 17.06 9.56
C THR C 94 19.96 16.83 8.36
N ASP C 95 20.93 15.92 8.44
CA ASP C 95 21.91 15.73 7.39
C ASP C 95 21.68 14.39 6.69
N PHE C 96 21.58 14.43 5.36
CA PHE C 96 21.37 13.23 4.57
C PHE C 96 22.26 13.31 3.35
N THR C 97 22.41 12.19 2.65
CA THR C 97 23.39 12.11 1.57
C THR C 97 23.03 11.01 0.59
N LEU C 98 23.09 11.35 -0.70
CA LEU C 98 23.08 10.37 -1.77
C LEU C 98 24.51 10.09 -2.19
N THR C 99 24.76 8.84 -2.56
CA THR C 99 26.09 8.38 -2.95
C THR C 99 25.96 7.48 -4.17
N ILE C 100 26.87 7.68 -5.13
CA ILE C 100 26.88 6.99 -6.41
C ILE C 100 28.23 6.30 -6.53
N SER C 101 28.22 4.97 -6.56
CA SER C 101 29.47 4.22 -6.71
C SER C 101 30.06 4.39 -8.10
N SER C 102 29.31 4.00 -9.12
CA SER C 102 29.74 4.12 -10.51
C SER C 102 28.73 5.00 -11.24
N LEU C 103 29.13 6.23 -11.54
CA LEU C 103 28.27 7.13 -12.31
C LEU C 103 28.08 6.60 -13.72
N GLN C 104 26.90 6.84 -14.27
CA GLN C 104 26.49 6.32 -15.57
C GLN C 104 25.99 7.45 -16.44
N PRO C 105 26.02 7.30 -17.76
CA PRO C 105 25.60 8.40 -18.64
C PRO C 105 24.15 8.82 -18.45
N GLU C 106 23.29 7.96 -17.91
CA GLU C 106 21.89 8.28 -17.73
C GLU C 106 21.61 9.03 -16.43
N ASP C 107 22.64 9.25 -15.60
CA ASP C 107 22.45 9.90 -14.31
C ASP C 107 22.68 11.41 -14.35
N PHE C 108 23.05 11.96 -15.50
CA PHE C 108 23.28 13.40 -15.63
C PHE C 108 21.93 14.11 -15.71
N ALA C 109 21.32 14.31 -14.55
CA ALA C 109 19.99 14.87 -14.45
C ALA C 109 19.96 15.86 -13.29
N THR C 110 18.76 16.30 -12.92
CA THR C 110 18.57 17.21 -11.80
C THR C 110 17.99 16.44 -10.62
N TYR C 111 18.73 16.39 -9.51
CA TYR C 111 18.34 15.64 -8.33
C TYR C 111 17.95 16.60 -7.23
N CYS C 112 16.83 16.32 -6.57
CA CYS C 112 16.23 17.24 -5.60
C CYS C 112 15.85 16.51 -4.32
N CYS C 113 15.87 17.26 -3.21
CA CYS C 113 15.40 16.79 -1.92
C CYS C 113 13.91 17.05 -1.75
N GLN C 114 13.30 16.32 -0.83
CA GLN C 114 11.89 16.45 -0.51
C GLN C 114 11.68 16.32 0.98
N GLN C 115 10.85 17.19 1.54
CA GLN C 115 10.55 17.17 2.96
C GLN C 115 9.23 16.45 3.20
N SER C 116 9.26 15.49 4.13
CA SER C 116 8.06 14.75 4.51
C SER C 116 7.72 15.03 5.96
N PHE C 117 7.74 16.31 6.32
CA PHE C 117 7.50 16.76 7.68
C PHE C 117 6.19 17.54 7.63
N THR C 118 5.84 18.28 8.68
CA THR C 118 4.57 18.97 8.81
C THR C 118 4.08 19.56 7.49
N THR C 119 2.78 19.43 7.22
CA THR C 119 2.14 19.55 5.92
C THR C 119 2.71 20.61 4.98
N PRO C 120 3.06 21.84 5.44
CA PRO C 120 3.77 22.74 4.52
C PRO C 120 5.15 22.18 4.19
N LEU C 121 5.33 21.75 2.94
CA LEU C 121 6.55 21.07 2.54
C LEU C 121 7.17 21.75 1.34
N THR C 122 8.51 21.80 1.32
CA THR C 122 9.26 22.46 0.27
C THR C 122 10.36 21.50 -0.20
N PHE C 123 11.24 22.01 -1.05
CA PHE C 123 12.35 21.22 -1.60
C PHE C 123 13.66 21.91 -1.28
N GLY C 124 14.74 21.36 -1.83
CA GLY C 124 16.04 22.01 -1.83
C GLY C 124 16.33 22.63 -3.19
N GLN C 125 17.47 23.34 -3.26
CA GLN C 125 17.83 24.01 -4.50
C GLN C 125 18.18 23.02 -5.61
N GLY C 126 18.45 21.77 -5.27
CA GLY C 126 18.77 20.75 -6.26
C GLY C 126 20.24 20.76 -6.64
N THR C 127 20.60 19.78 -7.46
CA THR C 127 21.98 19.65 -7.92
C THR C 127 21.95 18.99 -9.30
N LYS C 128 22.09 19.79 -10.35
CA LYS C 128 22.20 19.25 -11.69
C LYS C 128 23.52 18.52 -11.86
N VAL C 129 23.47 17.37 -12.53
CA VAL C 129 24.65 16.55 -12.77
C VAL C 129 25.12 16.80 -14.19
N GLU C 130 26.35 17.26 -14.34
CA GLU C 130 26.90 17.65 -15.63
C GLU C 130 28.11 16.77 -15.96
N ILE C 131 28.43 16.68 -17.24
CA ILE C 131 29.56 15.90 -17.70
C ILE C 131 30.84 16.72 -17.54
N LYS C 132 31.95 16.04 -17.30
CA LYS C 132 33.24 16.70 -17.15
C LYS C 132 34.32 15.92 -17.87
C1 NAG D . -21.65 -29.20 0.83
C2 NAG D . -21.20 -30.46 1.56
C3 NAG D . -21.04 -31.61 0.57
C4 NAG D . -22.32 -31.82 -0.22
C5 NAG D . -22.74 -30.52 -0.89
C6 NAG D . -24.07 -30.62 -1.60
C7 NAG D . -19.76 -30.64 3.55
C8 NAG D . -20.92 -31.37 4.19
N2 NAG D . -19.96 -30.23 2.29
O3 NAG D . -20.70 -32.80 1.28
O4 NAG D . -22.13 -32.82 -1.20
O5 NAG D . -22.86 -29.47 0.10
O6 NAG D . -24.99 -31.42 -0.86
O7 NAG D . -18.72 -30.44 4.14
#